data_7U4M
#
_entry.id   7U4M
#
_cell.length_a   67.828
_cell.length_b   115.654
_cell.length_c   61.219
_cell.angle_alpha   90.000
_cell.angle_beta   90.000
_cell.angle_gamma   90.000
#
_symmetry.space_group_name_H-M   'C 2 2 21'
#
loop_
_entity.id
_entity.type
_entity.pdbx_description
1 polymer 'Phospholipid hydroperoxide glutathione peroxidase'
2 non-polymer 4-methoxy-1H-indole-2-carbaldehyde
3 non-polymer 1,2-ETHANEDIOL
4 water water
#
_entity_poly.entity_id   1
_entity_poly.type   'polypeptide(L)'
_entity_poly.pdbx_seq_one_letter_code
;MGSSHHHHHHSSGLVPRGSHMLEAASRDDWRCARSMHEFSAKDIDGHMVNLDKYRGFVCIVTNVASQCGKTEVNYTQLVD
LHARYAECGLRILAFPCNQFGKQEPGSNEEIKEFAAGYNVKFDMFSKICVNGDDAHPLWKWMKIQPKGKGILGNAIKWNF
TKFLIDKNGCVVKRYGPMEEPLVIEKDLPHYF
;
_entity_poly.pdbx_strand_id   A
#
# COMPACT_ATOMS: atom_id res chain seq x y z
N LEU A 22 3.74 -26.16 -15.63
CA LEU A 22 2.33 -26.40 -15.39
C LEU A 22 1.46 -25.32 -16.02
N GLU A 23 0.15 -25.57 -16.02
CA GLU A 23 -0.80 -24.61 -16.56
C GLU A 23 -1.09 -23.50 -15.56
N ALA A 24 -1.30 -23.84 -14.29
CA ALA A 24 -1.51 -22.86 -13.24
C ALA A 24 -0.22 -22.24 -12.75
N ALA A 25 0.94 -22.68 -13.25
CA ALA A 25 2.23 -22.14 -12.84
C ALA A 25 2.57 -20.81 -13.50
N SER A 26 1.85 -20.43 -14.57
CA SER A 26 2.02 -19.11 -15.18
C SER A 26 0.75 -18.28 -15.19
N ARG A 27 -0.42 -18.87 -14.96
CA ARG A 27 -1.62 -18.08 -14.71
C ARG A 27 -1.59 -17.47 -13.31
N ASP A 28 -1.37 -18.30 -12.29
CA ASP A 28 -1.24 -17.85 -10.91
C ASP A 28 0.21 -17.43 -10.62
N ASP A 29 0.93 -16.98 -11.64
CA ASP A 29 2.38 -16.74 -11.52
C ASP A 29 2.72 -15.71 -10.45
N TRP A 30 1.79 -14.80 -10.12
CA TRP A 30 2.07 -13.86 -9.03
C TRP A 30 2.27 -14.59 -7.71
N ARG A 31 1.69 -15.78 -7.55
CA ARG A 31 1.81 -16.51 -6.28
C ARG A 31 3.26 -16.78 -5.92
N CYS A 32 4.10 -17.06 -6.90
CA CYS A 32 5.49 -17.41 -6.68
C CYS A 32 6.45 -16.23 -6.81
N ALA A 33 5.95 -15.00 -6.83
CA ALA A 33 6.87 -13.87 -6.82
C ALA A 33 7.66 -13.88 -5.51
N ARG A 34 8.91 -13.40 -5.57
CA ARG A 34 9.80 -13.47 -4.41
C ARG A 34 9.76 -12.22 -3.54
N SER A 35 9.31 -11.08 -4.07
CA SER A 35 9.28 -9.87 -3.26
C SER A 35 8.44 -8.83 -4.00
N MET A 36 8.09 -7.77 -3.29
CA MET A 36 7.41 -6.62 -3.91
C MET A 36 8.17 -6.08 -5.12
N HIS A 37 9.51 -6.21 -5.12
CA HIS A 37 10.31 -5.64 -6.20
C HIS A 37 10.02 -6.27 -7.56
N GLU A 38 9.33 -7.42 -7.61
CA GLU A 38 9.02 -8.06 -8.88
C GLU A 38 7.79 -7.48 -9.56
N PHE A 39 7.12 -6.52 -8.96
CA PHE A 39 5.88 -5.99 -9.53
C PHE A 39 6.08 -4.59 -10.08
N SER A 40 5.12 -4.15 -10.89
CA SER A 40 5.06 -2.79 -11.36
C SER A 40 3.63 -2.27 -11.21
N ALA A 41 3.48 -0.95 -11.13
CA ALA A 41 2.18 -0.33 -10.98
C ALA A 41 2.23 1.10 -11.49
N LYS A 42 1.10 1.55 -12.04
CA LYS A 42 1.01 2.90 -12.57
C LYS A 42 0.91 3.91 -11.42
N ASP A 43 1.74 4.96 -11.50
CA ASP A 43 1.61 6.02 -10.52
C ASP A 43 0.35 6.83 -10.81
N ILE A 44 0.02 7.76 -9.91
CA ILE A 44 -1.26 8.44 -10.02
C ILE A 44 -1.33 9.30 -11.28
N ASP A 45 -0.18 9.60 -11.89
CA ASP A 45 -0.15 10.32 -13.16
C ASP A 45 -0.32 9.41 -14.37
N GLY A 46 -0.39 8.10 -14.18
CA GLY A 46 -0.53 7.16 -15.27
C GLY A 46 0.77 6.55 -15.78
N HIS A 47 1.91 6.86 -15.17
CA HIS A 47 3.20 6.36 -15.62
C HIS A 47 3.59 5.09 -14.88
N MET A 48 3.98 4.06 -15.64
CA MET A 48 4.30 2.78 -15.02
C MET A 48 5.56 2.89 -14.18
N VAL A 49 5.50 2.34 -12.97
CA VAL A 49 6.60 2.41 -12.00
C VAL A 49 7.07 1.00 -11.71
N ASN A 50 8.35 0.73 -11.93
CA ASN A 50 8.94 -0.54 -11.53
C ASN A 50 9.19 -0.50 -10.02
N LEU A 51 8.54 -1.38 -9.26
CA LEU A 51 8.66 -1.32 -7.81
C LEU A 51 10.02 -1.79 -7.32
N ASP A 52 10.87 -2.35 -8.20
CA ASP A 52 12.23 -2.68 -7.80
C ASP A 52 13.02 -1.44 -7.39
N LYS A 53 12.54 -0.24 -7.72
CA LYS A 53 13.21 0.96 -7.27
C LYS A 53 13.11 1.15 -5.76
N TYR A 54 12.18 0.48 -5.10
CA TYR A 54 12.08 0.55 -3.65
C TYR A 54 13.01 -0.41 -2.93
N ARG A 55 13.82 -1.16 -3.66
CA ARG A 55 14.82 -2.00 -2.99
C ARG A 55 15.76 -1.11 -2.18
N GLY A 56 16.09 -1.57 -0.96
CA GLY A 56 16.88 -0.78 -0.03
C GLY A 56 16.09 0.19 0.81
N PHE A 57 14.78 0.26 0.63
CA PHE A 57 13.92 1.15 1.40
C PHE A 57 12.91 0.32 2.18
N VAL A 58 12.54 0.82 3.35
CA VAL A 58 11.43 0.26 4.13
C VAL A 58 10.15 0.94 3.69
N CYS A 59 9.15 0.15 3.33
CA CYS A 59 7.97 0.71 2.69
C CYS A 59 6.71 0.35 3.46
N ILE A 60 5.79 1.32 3.52
CA ILE A 60 4.44 1.09 3.96
C ILE A 60 3.58 1.13 2.70
N VAL A 61 2.85 0.06 2.44
CA VAL A 61 1.95 -0.03 1.29
C VAL A 61 0.54 -0.03 1.84
N THR A 62 -0.31 0.88 1.34
CA THR A 62 -1.62 1.05 1.95
C THR A 62 -2.66 1.38 0.90
N ASN A 63 -3.89 0.93 1.11
CA ASN A 63 -5.01 1.30 0.24
C ASN A 63 -5.71 2.50 0.86
N VAL A 64 -5.92 3.55 0.05
CA VAL A 64 -6.44 4.80 0.61
C VAL A 64 -7.79 5.13 -0.01
N ALA A 65 -8.49 6.05 0.64
CA ALA A 65 -9.81 6.51 0.22
C ALA A 65 -10.01 7.93 0.75
N SER A 66 -10.75 8.75 -0.01
CA SER A 66 -10.89 10.15 0.34
C SER A 66 -12.10 10.46 1.21
N GLN A 67 -13.10 9.58 1.25
CA GLN A 67 -14.38 9.88 1.89
C GLN A 67 -14.68 8.95 3.06
N CYS A 68 -13.63 8.42 3.67
CA CYS A 68 -13.76 7.53 4.81
C CYS A 68 -13.72 8.35 6.10
N GLY A 69 -14.35 7.82 7.15
CA GLY A 69 -14.28 8.50 8.44
C GLY A 69 -12.88 8.63 8.96
N LYS A 70 -11.99 7.72 8.57
CA LYS A 70 -10.60 7.72 9.00
C LYS A 70 -9.64 8.31 7.96
N THR A 71 -10.16 8.96 6.92
CA THR A 71 -9.29 9.53 5.90
C THR A 71 -8.35 10.59 6.49
N GLU A 72 -8.87 11.46 7.34
CA GLU A 72 -8.04 12.55 7.86
C GLU A 72 -6.95 12.03 8.77
N VAL A 73 -7.26 11.06 9.64
CA VAL A 73 -6.24 10.58 10.56
C VAL A 73 -5.16 9.78 9.82
N ASN A 74 -5.54 9.06 8.77
CA ASN A 74 -4.55 8.25 8.06
C ASN A 74 -3.62 9.12 7.23
N TYR A 75 -4.20 10.05 6.46
CA TYR A 75 -3.36 10.94 5.66
C TYR A 75 -2.43 11.76 6.54
N THR A 76 -2.96 12.33 7.63
CA THR A 76 -2.11 13.21 8.44
C THR A 76 -0.97 12.43 9.11
N GLN A 77 -1.25 11.23 9.60
CA GLN A 77 -0.21 10.45 10.26
C GLN A 77 0.77 9.85 9.26
N LEU A 78 0.32 9.51 8.06
CA LEU A 78 1.26 9.05 7.04
C LEU A 78 2.22 10.17 6.64
N VAL A 79 1.70 11.40 6.51
CA VAL A 79 2.55 12.56 6.27
C VAL A 79 3.54 12.75 7.42
N ASP A 80 3.06 12.65 8.67
CA ASP A 80 3.94 12.69 9.84
C ASP A 80 5.07 11.67 9.73
N LEU A 81 4.71 10.41 9.45
CA LEU A 81 5.72 9.35 9.38
C LEU A 81 6.75 9.64 8.30
N HIS A 82 6.28 10.04 7.11
CA HIS A 82 7.19 10.33 6.02
C HIS A 82 8.11 11.48 6.38
N ALA A 83 7.56 12.52 7.03
CA ALA A 83 8.38 13.65 7.44
C ALA A 83 9.43 13.24 8.46
N ARG A 84 9.13 12.28 9.33
CA ARG A 84 10.08 11.91 10.37
C ARG A 84 11.14 10.94 9.88
N TYR A 85 10.82 10.06 8.93
CA TYR A 85 11.70 8.93 8.63
C TYR A 85 12.09 8.79 7.17
N ALA A 86 11.71 9.73 6.30
CA ALA A 86 12.12 9.62 4.89
C ALA A 86 13.64 9.52 4.77
N GLU A 87 14.39 10.32 5.54
CA GLU A 87 15.85 10.28 5.46
C GLU A 87 16.41 8.97 6.00
N CYS A 88 15.65 8.25 6.81
CA CYS A 88 16.01 6.93 7.30
C CYS A 88 15.72 5.84 6.28
N GLY A 89 15.04 6.15 5.18
CA GLY A 89 14.72 5.16 4.17
C GLY A 89 13.27 4.74 4.14
N LEU A 90 12.38 5.45 4.82
CA LEU A 90 10.96 5.11 4.77
C LEU A 90 10.35 5.68 3.50
N ARG A 91 9.57 4.84 2.82
CA ARG A 91 8.79 5.23 1.66
C ARG A 91 7.36 4.73 1.87
N ILE A 92 6.40 5.47 1.32
CA ILE A 92 5.00 5.12 1.48
C ILE A 92 4.37 5.06 0.09
N LEU A 93 3.69 3.96 -0.20
CA LEU A 93 3.02 3.74 -1.48
C LEU A 93 1.53 3.68 -1.21
N ALA A 94 0.79 4.66 -1.72
CA ALA A 94 -0.64 4.79 -1.43
C ALA A 94 -1.42 4.41 -2.68
N PHE A 95 -2.26 3.38 -2.56
CA PHE A 95 -3.09 2.91 -3.67
C PHE A 95 -4.54 3.27 -3.40
N PRO A 96 -5.10 4.24 -4.13
CA PRO A 96 -6.55 4.50 -4.03
C PRO A 96 -7.35 3.26 -4.41
N CYS A 97 -8.49 3.09 -3.75
CA CYS A 97 -9.34 1.94 -4.00
C CYS A 97 -10.78 2.31 -3.64
N ASN A 98 -11.70 2.00 -4.54
CA ASN A 98 -13.11 2.35 -4.34
C ASN A 98 -13.95 1.15 -3.93
N GLN A 99 -13.32 0.06 -3.45
CA GLN A 99 -14.07 -1.15 -3.15
C GLN A 99 -14.74 -1.17 -1.79
N PHE A 100 -14.53 -0.17 -0.93
CA PHE A 100 -15.00 -0.24 0.45
C PHE A 100 -15.91 0.95 0.73
N GLY A 101 -17.21 0.72 0.59
CA GLY A 101 -18.18 1.78 0.79
C GLY A 101 -18.20 2.83 -0.30
N LYS A 102 -17.66 2.52 -1.47
CA LYS A 102 -17.45 3.47 -2.56
C LYS A 102 -16.92 4.80 -2.02
N GLN A 103 -15.84 4.72 -1.23
CA GLN A 103 -15.32 5.90 -0.57
C GLN A 103 -14.13 6.52 -1.31
N GLU A 104 -13.86 6.08 -2.54
CA GLU A 104 -12.85 6.72 -3.40
C GLU A 104 -13.42 6.86 -4.81
N PRO A 105 -14.50 7.63 -4.97
CA PRO A 105 -15.18 7.66 -6.27
C PRO A 105 -14.53 8.56 -7.32
N GLY A 106 -13.63 9.45 -6.92
CA GLY A 106 -13.08 10.44 -7.84
C GLY A 106 -12.10 9.84 -8.81
N SER A 107 -11.71 10.67 -9.80
CA SER A 107 -10.69 10.26 -10.76
C SER A 107 -9.30 10.36 -10.11
N ASN A 108 -8.31 9.75 -10.78
CA ASN A 108 -6.93 9.83 -10.28
C ASN A 108 -6.49 11.28 -10.12
N GLU A 109 -6.84 12.14 -11.07
CA GLU A 109 -6.44 13.54 -10.98
C GLU A 109 -7.05 14.20 -9.76
N GLU A 110 -8.32 13.91 -9.47
CA GLU A 110 -8.97 14.49 -8.30
C GLU A 110 -8.34 13.95 -7.02
N ILE A 111 -8.00 12.66 -7.01
CA ILE A 111 -7.38 12.06 -5.83
C ILE A 111 -6.00 12.67 -5.59
N LYS A 112 -5.25 12.88 -6.67
CA LYS A 112 -3.95 13.55 -6.56
C LYS A 112 -4.08 14.94 -5.93
N GLU A 113 -5.10 15.71 -6.34
CA GLU A 113 -5.32 17.04 -5.77
C GLU A 113 -5.78 16.97 -4.33
N PHE A 114 -6.59 15.96 -3.99
CA PHE A 114 -6.99 15.78 -2.60
C PHE A 114 -5.77 15.53 -1.73
N ALA A 115 -4.87 14.65 -2.18
CA ALA A 115 -3.67 14.34 -1.42
C ALA A 115 -2.79 15.58 -1.26
N ALA A 116 -2.71 16.42 -2.29
CA ALA A 116 -1.90 17.64 -2.20
C ALA A 116 -2.40 18.55 -1.09
N GLY A 117 -3.70 18.49 -0.77
CA GLY A 117 -4.22 19.29 0.33
C GLY A 117 -3.68 18.88 1.68
N TYR A 118 -3.24 17.63 1.81
CA TYR A 118 -2.59 17.15 3.03
C TYR A 118 -1.08 17.25 2.95
N ASN A 119 -0.54 17.90 1.92
CA ASN A 119 0.91 18.08 1.76
C ASN A 119 1.62 16.74 1.63
N VAL A 120 1.02 15.82 0.87
CA VAL A 120 1.59 14.50 0.67
C VAL A 120 2.83 14.61 -0.20
N LYS A 121 3.95 14.08 0.28
CA LYS A 121 5.19 14.00 -0.49
C LYS A 121 5.59 12.56 -0.79
N PHE A 122 4.85 11.56 -0.29
CA PHE A 122 5.14 10.17 -0.62
C PHE A 122 4.45 9.81 -1.94
N ASP A 123 4.48 8.52 -2.31
CA ASP A 123 4.17 8.10 -3.66
C ASP A 123 2.71 7.70 -3.79
N MET A 124 1.97 8.45 -4.62
CA MET A 124 0.57 8.17 -4.93
C MET A 124 0.48 7.38 -6.23
N PHE A 125 -0.32 6.31 -6.22
CA PHE A 125 -0.50 5.46 -7.38
C PHE A 125 -1.90 5.62 -7.95
N SER A 126 -2.08 5.13 -9.17
CA SER A 126 -3.40 5.12 -9.77
C SER A 126 -4.34 4.16 -9.04
N LYS A 127 -5.64 4.48 -9.07
CA LYS A 127 -6.66 3.67 -8.40
C LYS A 127 -6.63 2.22 -8.88
N ILE A 128 -6.78 1.29 -7.95
CA ILE A 128 -6.79 -0.15 -8.26
C ILE A 128 -7.92 -0.82 -7.49
N CYS A 129 -8.10 -2.12 -7.78
CA CYS A 129 -8.77 -3.04 -6.88
C CYS A 129 -7.74 -3.78 -6.03
N VAL A 130 -8.12 -4.09 -4.80
CA VAL A 130 -7.27 -4.85 -3.89
C VAL A 130 -7.84 -6.22 -3.58
N ASN A 131 -9.12 -6.47 -3.85
CA ASN A 131 -9.76 -7.76 -3.65
C ASN A 131 -10.34 -8.26 -4.97
N GLY A 132 -10.52 -9.58 -5.05
CA GLY A 132 -11.17 -10.18 -6.21
C GLY A 132 -10.20 -10.47 -7.33
N ASP A 133 -10.75 -10.98 -8.44
CA ASP A 133 -9.93 -11.49 -9.51
C ASP A 133 -9.21 -10.38 -10.28
N ASP A 134 -9.73 -9.16 -10.23
CA ASP A 134 -9.12 -8.03 -10.94
C ASP A 134 -8.21 -7.21 -10.04
N ALA A 135 -7.93 -7.69 -8.82
CA ALA A 135 -7.01 -6.98 -7.95
C ALA A 135 -5.63 -6.89 -8.61
N HIS A 136 -4.94 -5.79 -8.33
CA HIS A 136 -3.56 -5.68 -8.79
C HIS A 136 -2.74 -6.82 -8.20
N PRO A 137 -1.89 -7.49 -9.00
CA PRO A 137 -1.21 -8.69 -8.48
C PRO A 137 -0.29 -8.42 -7.30
N LEU A 138 0.23 -7.20 -7.15
CA LEU A 138 0.98 -6.88 -5.93
C LEU A 138 0.12 -7.11 -4.69
N TRP A 139 -1.15 -6.70 -4.74
CA TRP A 139 -2.02 -6.88 -3.59
C TRP A 139 -2.43 -8.34 -3.43
N LYS A 140 -2.65 -9.05 -4.54
CA LYS A 140 -2.87 -10.49 -4.44
C LYS A 140 -1.71 -11.16 -3.73
N TRP A 141 -0.48 -10.76 -4.08
CA TRP A 141 0.71 -11.37 -3.53
C TRP A 141 0.93 -11.01 -2.06
N MET A 142 0.74 -9.74 -1.69
CA MET A 142 0.96 -9.35 -0.30
C MET A 142 0.04 -10.11 0.64
N LYS A 143 -1.22 -10.31 0.21
CA LYS A 143 -2.21 -10.96 1.05
C LYS A 143 -1.89 -12.41 1.37
N ILE A 144 -1.08 -13.10 0.55
CA ILE A 144 -0.76 -14.50 0.81
C ILE A 144 0.60 -14.67 1.49
N GLN A 145 1.30 -13.57 1.79
CA GLN A 145 2.58 -13.71 2.47
C GLN A 145 2.36 -14.14 3.92
N PRO A 146 3.25 -14.98 4.47
CA PRO A 146 3.08 -15.44 5.86
C PRO A 146 2.80 -14.34 6.86
N LYS A 147 3.54 -13.23 6.81
CA LYS A 147 3.32 -12.10 7.70
C LYS A 147 2.30 -11.09 7.17
N GLY A 148 1.70 -11.36 6.01
CA GLY A 148 0.57 -10.57 5.52
C GLY A 148 -0.79 -11.18 5.80
N LYS A 149 -0.85 -12.19 6.65
CA LYS A 149 -2.11 -12.89 6.90
C LYS A 149 -3.12 -11.96 7.58
N GLY A 150 -4.38 -12.05 7.17
CA GLY A 150 -5.45 -11.32 7.82
C GLY A 150 -6.17 -12.16 8.87
N ILE A 151 -7.12 -11.52 9.54
CA ILE A 151 -8.04 -12.22 10.44
C ILE A 151 -9.33 -12.45 9.66
N LEU A 152 -9.92 -13.64 9.83
CA LEU A 152 -11.09 -14.05 9.05
C LEU A 152 -10.79 -14.00 7.55
N GLY A 153 -9.68 -14.61 7.15
CA GLY A 153 -9.25 -14.61 5.77
C GLY A 153 -8.29 -13.49 5.45
N ASN A 154 -7.65 -13.61 4.30
CA ASN A 154 -6.61 -12.69 3.91
C ASN A 154 -7.12 -11.48 3.13
N ALA A 155 -8.40 -11.46 2.75
CA ALA A 155 -8.93 -10.33 1.99
C ALA A 155 -8.75 -9.01 2.76
N ILE A 156 -8.53 -7.93 2.02
CA ILE A 156 -8.55 -6.60 2.63
C ILE A 156 -9.96 -6.33 3.14
N LYS A 157 -10.07 -5.86 4.39
CA LYS A 157 -11.37 -5.72 5.03
C LYS A 157 -11.99 -4.33 4.89
N TRP A 158 -11.17 -3.28 4.75
CA TRP A 158 -11.69 -1.93 4.60
C TRP A 158 -10.56 -1.03 4.10
N ASN A 159 -10.87 0.26 3.95
CA ASN A 159 -9.86 1.24 3.57
C ASN A 159 -8.76 1.31 4.62
N PHE A 160 -7.57 1.67 4.17
CA PHE A 160 -6.42 1.97 5.04
C PHE A 160 -5.93 0.73 5.81
N THR A 161 -5.91 -0.41 5.13
CA THR A 161 -5.05 -1.50 5.56
C THR A 161 -3.60 -1.16 5.19
N LYS A 162 -2.66 -1.54 6.06
CA LYS A 162 -1.24 -1.24 5.84
C LYS A 162 -0.41 -2.51 5.86
N PHE A 163 0.54 -2.60 4.94
CA PHE A 163 1.56 -3.64 4.92
C PHE A 163 2.92 -2.98 5.09
N LEU A 164 3.73 -3.52 6.00
CA LEU A 164 5.12 -3.08 6.14
C LEU A 164 6.02 -4.01 5.36
N ILE A 165 6.90 -3.42 4.55
CA ILE A 165 7.78 -4.13 3.62
C ILE A 165 9.22 -3.79 3.97
N ASP A 166 10.07 -4.81 4.09
CA ASP A 166 11.45 -4.53 4.45
C ASP A 166 12.27 -4.19 3.21
N LYS A 167 13.57 -3.93 3.42
CA LYS A 167 14.39 -3.44 2.31
C LYS A 167 14.58 -4.49 1.22
N ASN A 168 14.32 -5.77 1.51
CA ASN A 168 14.40 -6.79 0.48
C ASN A 168 13.06 -7.03 -0.21
N GLY A 169 12.03 -6.24 0.11
CA GLY A 169 10.74 -6.38 -0.54
C GLY A 169 9.85 -7.45 0.05
N CYS A 170 10.14 -7.92 1.26
CA CYS A 170 9.36 -8.95 1.92
C CYS A 170 8.35 -8.32 2.86
N VAL A 171 7.14 -8.87 2.87
CA VAL A 171 6.13 -8.44 3.84
C VAL A 171 6.56 -8.88 5.23
N VAL A 172 6.60 -7.94 6.17
CA VAL A 172 6.97 -8.26 7.53
C VAL A 172 5.86 -8.03 8.53
N LYS A 173 4.80 -7.28 8.18
CA LYS A 173 3.75 -6.99 9.14
C LYS A 173 2.54 -6.44 8.39
N ARG A 174 1.36 -6.73 8.92
CA ARG A 174 0.11 -6.20 8.37
C ARG A 174 -0.65 -5.50 9.49
N TYR A 175 -1.21 -4.32 9.18
CA TYR A 175 -1.94 -3.53 10.15
C TYR A 175 -3.33 -3.25 9.59
N GLY A 176 -4.36 -3.49 10.41
CA GLY A 176 -5.74 -3.42 9.96
C GLY A 176 -6.24 -2.00 9.80
N PRO A 177 -7.43 -1.88 9.21
CA PRO A 177 -8.01 -0.54 8.96
C PRO A 177 -8.24 0.30 10.19
N MET A 178 -8.37 -0.32 11.38
CA MET A 178 -8.57 0.45 12.61
C MET A 178 -7.28 0.93 13.24
N GLU A 179 -6.13 0.51 12.74
CA GLU A 179 -4.85 0.84 13.39
C GLU A 179 -4.29 2.09 12.72
N GLU A 180 -4.23 3.19 13.45
CA GLU A 180 -3.74 4.43 12.88
C GLU A 180 -2.26 4.29 12.51
N PRO A 181 -1.80 5.04 11.51
CA PRO A 181 -0.43 4.82 11.00
C PRO A 181 0.67 4.99 12.05
N LEU A 182 0.48 5.82 13.07
CA LEU A 182 1.55 5.99 14.07
C LEU A 182 1.77 4.73 14.90
N VAL A 183 0.86 3.75 14.83
CA VAL A 183 1.09 2.45 15.47
C VAL A 183 2.27 1.74 14.85
N ILE A 184 2.55 1.98 13.56
CA ILE A 184 3.65 1.34 12.85
C ILE A 184 4.99 1.86 13.34
N GLU A 185 5.01 3.09 13.86
CA GLU A 185 6.26 3.78 14.15
C GLU A 185 7.20 2.95 15.03
N LYS A 186 6.67 2.31 16.08
CA LYS A 186 7.52 1.55 17.00
C LYS A 186 8.17 0.35 16.34
N ASP A 187 7.65 -0.12 15.19
CA ASP A 187 8.21 -1.25 14.47
C ASP A 187 9.29 -0.85 13.47
N LEU A 188 9.41 0.43 13.13
CA LEU A 188 10.28 0.84 12.04
C LEU A 188 11.77 0.72 12.35
N PRO A 189 12.27 1.12 13.53
CA PRO A 189 13.73 1.10 13.73
C PRO A 189 14.36 -0.26 13.53
N HIS A 190 13.60 -1.35 13.72
CA HIS A 190 14.12 -2.69 13.49
C HIS A 190 14.51 -2.91 12.03
N TYR A 191 13.85 -2.24 11.08
CA TYR A 191 14.03 -2.52 9.67
C TYR A 191 14.86 -1.46 8.93
N PHE A 192 15.11 -0.31 9.54
CA PHE A 192 15.93 0.70 8.90
C PHE A 192 17.35 0.19 8.75
#